data_7ARZ
#
_entry.id   7ARZ
#
_cell.length_a   68.360
_cell.length_b   68.360
_cell.length_c   203.440
_cell.angle_alpha   90.000
_cell.angle_beta   90.000
_cell.angle_gamma   120.000
#
_symmetry.space_group_name_H-M   'P 32 2 1'
#
loop_
_entity.id
_entity.type
_entity.pdbx_description
1 polymer 'Formate dehydrogenase, mitochondrial'
2 non-polymer NICOTINAMIDE-ADENINE-DINUCLEOTIDE
3 non-polymer 'AZIDE ION'
4 water water
#
_entity_poly.entity_id   1
_entity_poly.type   'polypeptide(L)'
_entity_poly.pdbx_seq_one_letter_code
;AFSYSSAAGGESKKILGVFFAAHEYAKNPEFLGCVENALGIREWLESKGHKYVVTSDKDGPDSELDKELADAHILITTPF
HPAYMTKERLAKAKNLELLVTAGVGSDHIDLHAAAEKGLTVSEVTGSNVTSVAEDEVLRILVLVRNFAPGWKQVSEGGWN
VAAVVHHAYDLIDRTVGTVGGGRIGQELMKRLKGFGLKEMLYYDRNSLGAEREKELGCKRETDLDTMLSKCDVVVVNTPL
TDQTRGLFNKERIAKMKKGAYLVNNARGAIADTEAVKEACESGHLGGYGGDVWNAQPAGKDHPWRYMPNHAMTPHISGTT
LDAQKRFAAGTKDMIDRWLKHEAFPEQNYIVREGKLASQYL
;
_entity_poly.pdbx_strand_id   A
#
loop_
_chem_comp.id
_chem_comp.type
_chem_comp.name
_chem_comp.formula
AZI non-polymer 'AZIDE ION' 'N3 -1'
NAD non-polymer NICOTINAMIDE-ADENINE-DINUCLEOTIDE 'C21 H27 N7 O14 P2'
#
# COMPACT_ATOMS: atom_id res chain seq x y z
N ALA A 1 -25.04 -22.46 15.41
CA ALA A 1 -26.05 -23.18 16.23
C ALA A 1 -25.82 -22.91 17.73
N PHE A 2 -24.93 -21.99 18.10
CA PHE A 2 -24.69 -21.56 19.50
C PHE A 2 -24.89 -20.05 19.64
N SER A 3 -25.78 -19.67 20.56
CA SER A 3 -26.37 -18.30 20.68
C SER A 3 -25.44 -17.36 21.44
N TYR A 4 -24.41 -17.86 22.12
CA TYR A 4 -23.58 -17.01 23.04
C TYR A 4 -22.10 -17.08 22.70
N SER A 5 -21.29 -16.37 23.48
CA SER A 5 -19.85 -16.15 23.22
C SER A 5 -19.10 -16.05 24.56
N SER A 6 -17.78 -15.97 24.50
CA SER A 6 -16.89 -15.85 25.69
C SER A 6 -16.64 -14.37 26.04
N ALA A 7 -17.37 -13.45 25.39
CA ALA A 7 -17.24 -11.99 25.55
C ALA A 7 -18.16 -11.51 26.69
N ALA A 8 -18.14 -10.21 27.00
CA ALA A 8 -19.06 -9.56 27.97
C ALA A 8 -20.51 -9.99 27.66
N GLY A 9 -21.22 -10.46 28.70
CA GLY A 9 -22.63 -10.90 28.64
C GLY A 9 -22.88 -12.02 27.63
N GLY A 10 -21.80 -12.62 27.10
CA GLY A 10 -21.86 -13.61 26.01
C GLY A 10 -22.47 -13.02 24.76
N GLU A 11 -22.28 -11.71 24.57
CA GLU A 11 -22.65 -11.02 23.29
C GLU A 11 -21.74 -11.61 22.20
N SER A 12 -22.34 -12.37 21.29
CA SER A 12 -21.78 -12.78 19.98
C SER A 12 -21.34 -11.53 19.20
N LYS A 13 -20.05 -11.35 18.91
CA LYS A 13 -19.56 -10.23 18.06
C LYS A 13 -19.52 -10.70 16.61
N LYS A 14 -19.79 -9.78 15.67
CA LYS A 14 -19.69 -10.07 14.22
C LYS A 14 -18.43 -9.41 13.68
N ILE A 15 -17.58 -10.23 13.04
CA ILE A 15 -16.33 -9.78 12.38
C ILE A 15 -16.61 -9.84 10.88
N LEU A 16 -16.48 -8.68 10.22
CA LEU A 16 -16.73 -8.57 8.75
C LEU A 16 -15.40 -8.41 8.05
N GLY A 17 -15.13 -9.27 7.07
CA GLY A 17 -13.89 -9.24 6.29
C GLY A 17 -14.17 -9.06 4.83
N VAL A 18 -13.47 -8.10 4.21
CA VAL A 18 -13.49 -7.86 2.73
C VAL A 18 -12.11 -8.17 2.15
N PHE A 19 -12.03 -9.18 1.29
CA PHE A 19 -10.78 -9.74 0.70
C PHE A 19 -11.05 -9.94 -0.79
N PHE A 20 -10.04 -9.95 -1.64
CA PHE A 20 -10.24 -10.36 -3.06
C PHE A 20 -10.47 -11.87 -3.09
N ALA A 21 -11.12 -12.34 -4.13
CA ALA A 21 -11.28 -13.79 -4.41
C ALA A 21 -9.96 -14.32 -4.99
N ALA A 22 -9.54 -15.52 -4.57
CA ALA A 22 -8.38 -16.25 -5.13
C ALA A 22 -8.87 -17.41 -6.00
N HIS A 23 -10.18 -17.67 -6.02
CA HIS A 23 -10.81 -18.84 -6.69
C HIS A 23 -9.89 -20.05 -6.52
N GLU A 24 -9.48 -20.73 -7.60
CA GLU A 24 -8.73 -22.00 -7.52
C GLU A 24 -7.40 -21.80 -6.77
N TYR A 25 -6.82 -20.60 -6.73
CA TYR A 25 -5.50 -20.37 -6.09
C TYR A 25 -5.62 -20.52 -4.58
N ALA A 26 -6.85 -20.56 -4.05
CA ALA A 26 -7.15 -20.74 -2.60
C ALA A 26 -6.84 -22.18 -2.15
N LYS A 27 -6.65 -23.11 -3.10
CA LYS A 27 -6.21 -24.52 -2.84
C LYS A 27 -4.87 -24.52 -2.11
N ASN A 28 -4.07 -23.46 -2.25
CA ASN A 28 -2.83 -23.32 -1.45
C ASN A 28 -3.22 -22.67 -0.12
N PRO A 29 -3.23 -23.41 1.01
CA PRO A 29 -3.56 -22.81 2.30
C PRO A 29 -2.57 -21.72 2.78
N GLU A 30 -1.35 -21.65 2.25
CA GLU A 30 -0.45 -20.49 2.55
C GLU A 30 -1.11 -19.23 1.97
N PHE A 31 -1.99 -19.38 0.98
CA PHE A 31 -2.72 -18.23 0.36
C PHE A 31 -3.83 -17.81 1.33
N LEU A 32 -3.41 -17.21 2.43
CA LEU A 32 -4.24 -16.75 3.56
C LEU A 32 -5.06 -15.51 3.15
N GLY A 33 -4.44 -14.59 2.39
CA GLY A 33 -4.99 -13.26 2.07
C GLY A 33 -5.98 -13.32 0.92
N CYS A 34 -7.11 -13.97 1.15
CA CYS A 34 -8.15 -14.11 0.11
C CYS A 34 -9.48 -14.43 0.80
N VAL A 35 -10.60 -14.23 0.12
CA VAL A 35 -11.93 -14.32 0.77
C VAL A 35 -12.16 -15.79 1.15
N GLU A 36 -11.65 -16.74 0.36
CA GLU A 36 -11.88 -18.20 0.55
C GLU A 36 -11.19 -18.68 1.84
N ASN A 37 -9.96 -18.26 2.13
CA ASN A 37 -9.19 -18.75 3.31
C ASN A 37 -9.25 -17.71 4.44
N ALA A 38 -9.56 -16.46 4.11
CA ALA A 38 -9.96 -15.42 5.09
C ALA A 38 -8.96 -15.34 6.24
N LEU A 39 -7.67 -15.43 5.94
CA LEU A 39 -6.58 -15.29 6.92
C LEU A 39 -6.49 -16.51 7.87
N GLY A 40 -7.21 -17.60 7.58
CA GLY A 40 -7.24 -18.86 8.35
C GLY A 40 -7.69 -18.68 9.81
N ILE A 41 -8.60 -17.75 10.09
CA ILE A 41 -9.01 -17.42 11.49
C ILE A 41 -10.47 -17.80 11.72
N ARG A 42 -11.15 -18.46 10.78
CA ARG A 42 -12.60 -18.71 10.90
C ARG A 42 -12.87 -19.61 12.11
N GLU A 43 -12.22 -20.77 12.20
CA GLU A 43 -12.50 -21.73 13.29
C GLU A 43 -12.17 -21.01 14.61
N TRP A 44 -11.10 -20.24 14.65
CA TRP A 44 -10.69 -19.57 15.92
C TRP A 44 -11.72 -18.52 16.36
N LEU A 45 -12.41 -17.87 15.42
CA LEU A 45 -13.53 -16.95 15.73
C LEU A 45 -14.80 -17.75 16.05
N GLU A 46 -15.20 -18.71 15.22
CA GLU A 46 -16.49 -19.44 15.34
C GLU A 46 -16.50 -20.17 16.70
N SER A 47 -15.35 -20.70 17.12
CA SER A 47 -15.21 -21.49 18.35
C SER A 47 -15.35 -20.61 19.59
N LYS A 48 -15.23 -19.29 19.46
CA LYS A 48 -15.48 -18.34 20.59
C LYS A 48 -16.97 -17.94 20.64
N GLY A 49 -17.80 -18.53 19.76
CA GLY A 49 -19.20 -18.11 19.53
C GLY A 49 -19.33 -16.77 18.83
N HIS A 50 -18.29 -16.30 18.11
CA HIS A 50 -18.32 -15.03 17.32
C HIS A 50 -18.75 -15.35 15.89
N LYS A 51 -19.31 -14.36 15.18
CA LYS A 51 -19.71 -14.55 13.75
C LYS A 51 -18.60 -14.02 12.84
N TYR A 52 -18.25 -14.78 11.80
CA TYR A 52 -17.27 -14.36 10.77
C TYR A 52 -17.91 -14.37 9.38
N VAL A 53 -18.10 -13.18 8.80
CA VAL A 53 -18.69 -13.02 7.43
C VAL A 53 -17.67 -12.31 6.52
N VAL A 54 -17.42 -12.89 5.37
CA VAL A 54 -16.38 -12.37 4.42
C VAL A 54 -17.00 -12.25 3.02
N THR A 55 -16.50 -11.28 2.25
CA THR A 55 -16.95 -11.06 0.85
C THR A 55 -15.85 -10.35 0.05
N SER A 56 -15.82 -10.56 -1.26
CA SER A 56 -15.04 -9.78 -2.25
C SER A 56 -15.91 -8.69 -2.92
N ASP A 57 -17.20 -8.63 -2.55
CA ASP A 57 -18.23 -7.75 -3.17
C ASP A 57 -18.35 -6.48 -2.33
N LYS A 58 -17.63 -5.43 -2.70
CA LYS A 58 -17.45 -4.20 -1.89
C LYS A 58 -17.86 -2.93 -2.67
N ASP A 59 -18.25 -3.07 -3.93
CA ASP A 59 -18.36 -1.91 -4.88
C ASP A 59 -19.83 -1.70 -5.23
N GLY A 60 -20.25 -0.42 -5.26
CA GLY A 60 -21.63 0.02 -5.45
C GLY A 60 -22.39 -0.03 -4.12
N PRO A 61 -23.58 0.61 -3.99
CA PRO A 61 -24.40 0.46 -2.79
C PRO A 61 -25.28 -0.81 -2.65
N ASP A 62 -25.33 -1.70 -3.64
CA ASP A 62 -26.05 -3.01 -3.55
C ASP A 62 -25.13 -4.10 -2.94
N SER A 63 -23.98 -3.74 -2.37
CA SER A 63 -22.86 -4.70 -2.13
C SER A 63 -23.09 -5.49 -0.84
N GLU A 64 -22.60 -6.73 -0.81
CA GLU A 64 -22.50 -7.59 0.40
C GLU A 64 -21.87 -6.76 1.52
N LEU A 65 -20.87 -5.94 1.21
CA LEU A 65 -20.25 -5.04 2.21
C LEU A 65 -21.35 -4.17 2.84
N ASP A 66 -22.18 -3.51 2.04
CA ASP A 66 -23.19 -2.55 2.55
C ASP A 66 -24.29 -3.31 3.31
N LYS A 67 -24.78 -4.46 2.82
CA LYS A 67 -25.75 -5.33 3.57
C LYS A 67 -25.20 -5.60 4.99
N GLU A 68 -24.00 -6.22 5.07
CA GLU A 68 -23.45 -6.85 6.29
C GLU A 68 -22.91 -5.80 7.26
N LEU A 69 -22.72 -4.59 6.78
CA LEU A 69 -22.00 -3.52 7.51
C LEU A 69 -22.77 -3.09 8.76
N ALA A 70 -24.11 -3.22 8.76
CA ALA A 70 -24.99 -2.54 9.75
C ALA A 70 -24.71 -3.05 11.18
N ASP A 71 -24.53 -4.36 11.35
CA ASP A 71 -24.46 -5.06 12.66
C ASP A 71 -23.07 -5.67 12.90
N ALA A 72 -22.01 -5.11 12.31
CA ALA A 72 -20.63 -5.61 12.38
C ALA A 72 -19.88 -4.86 13.48
N HIS A 73 -19.18 -5.58 14.38
CA HIS A 73 -18.42 -4.94 15.50
C HIS A 73 -17.00 -4.66 15.05
N ILE A 74 -16.49 -5.55 14.20
CA ILE A 74 -15.08 -5.55 13.75
C ILE A 74 -15.09 -5.66 12.23
N LEU A 75 -14.38 -4.72 11.59
CA LEU A 75 -14.17 -4.74 10.12
C LEU A 75 -12.71 -5.02 9.79
N ILE A 76 -12.47 -6.09 9.06
CA ILE A 76 -11.11 -6.34 8.52
C ILE A 76 -11.16 -5.92 7.07
N THR A 77 -10.26 -5.02 6.69
CA THR A 77 -10.05 -4.65 5.26
C THR A 77 -8.65 -5.14 4.87
N THR A 78 -8.36 -5.09 3.58
CA THR A 78 -7.02 -5.31 2.99
C THR A 78 -6.78 -4.31 1.86
N PRO A 79 -5.63 -3.63 1.83
CA PRO A 79 -5.38 -2.57 0.84
C PRO A 79 -5.49 -3.06 -0.61
N PHE A 80 -5.27 -4.36 -0.86
CA PHE A 80 -5.19 -4.99 -2.20
C PHE A 80 -6.57 -5.08 -2.82
N HIS A 81 -7.61 -4.95 -1.99
CA HIS A 81 -9.04 -5.07 -2.37
C HIS A 81 -9.85 -4.31 -1.37
N PRO A 82 -9.68 -2.98 -1.33
CA PRO A 82 -10.01 -2.19 -0.15
C PRO A 82 -11.48 -1.78 -0.17
N ALA A 83 -12.17 -2.07 0.94
CA ALA A 83 -13.51 -1.54 1.30
C ALA A 83 -13.32 -0.06 1.60
N TYR A 84 -13.90 0.79 0.76
CA TYR A 84 -13.78 2.25 0.92
C TYR A 84 -14.83 2.68 1.94
N MET A 85 -14.37 3.01 3.15
CA MET A 85 -15.27 3.32 4.30
C MET A 85 -15.41 4.84 4.41
N THR A 86 -16.38 5.31 3.62
CA THR A 86 -16.88 6.70 3.54
C THR A 86 -17.57 7.08 4.84
N LYS A 87 -17.67 8.39 5.12
CA LYS A 87 -18.54 8.94 6.20
C LYS A 87 -19.91 8.22 6.22
N GLU A 88 -20.56 8.03 5.07
CA GLU A 88 -21.89 7.37 5.00
C GLU A 88 -21.77 5.93 5.53
N ARG A 89 -20.75 5.20 5.11
CA ARG A 89 -20.67 3.74 5.40
C ARG A 89 -20.41 3.54 6.89
N LEU A 90 -19.56 4.40 7.44
CA LEU A 90 -19.26 4.42 8.88
C LEU A 90 -20.52 4.70 9.69
N ALA A 91 -21.34 5.68 9.28
CA ALA A 91 -22.56 6.13 9.98
C ALA A 91 -23.62 5.02 9.99
N LYS A 92 -23.72 4.22 8.92
N LYS A 92 -23.69 4.22 8.93
CA LYS A 92 -24.62 3.04 8.89
CA LYS A 92 -24.59 3.03 8.81
C LYS A 92 -24.08 1.93 9.82
C LYS A 92 -24.00 1.82 9.56
N ALA A 93 -22.76 1.92 10.09
CA ALA A 93 -22.08 0.84 10.84
C ALA A 93 -22.34 1.03 12.35
N LYS A 94 -23.46 0.51 12.83
CA LYS A 94 -24.07 0.89 14.14
C LYS A 94 -23.26 0.25 15.29
N ASN A 95 -22.72 -0.95 15.08
CA ASN A 95 -22.00 -1.75 16.11
C ASN A 95 -20.48 -1.58 15.96
N LEU A 96 -20.03 -1.02 14.85
CA LEU A 96 -18.60 -0.98 14.48
C LEU A 96 -17.78 -0.31 15.58
N GLU A 97 -16.70 -0.96 16.02
CA GLU A 97 -15.85 -0.38 17.10
C GLU A 97 -14.39 -0.40 16.63
N LEU A 98 -14.01 -1.41 15.84
CA LEU A 98 -12.61 -1.67 15.42
C LEU A 98 -12.54 -1.83 13.91
N LEU A 99 -11.62 -1.10 13.30
CA LEU A 99 -11.24 -1.29 11.87
C LEU A 99 -9.78 -1.73 11.79
N VAL A 100 -9.54 -2.95 11.31
CA VAL A 100 -8.16 -3.50 11.26
C VAL A 100 -7.82 -3.75 9.80
N THR A 101 -6.70 -3.19 9.37
CA THR A 101 -6.17 -3.35 8.00
C THR A 101 -5.16 -4.50 8.00
N ALA A 102 -5.52 -5.55 7.28
CA ALA A 102 -4.71 -6.71 6.89
C ALA A 102 -3.74 -6.24 5.81
N GLY A 103 -2.72 -5.52 6.24
CA GLY A 103 -1.71 -4.92 5.36
C GLY A 103 -1.26 -3.66 6.00
N VAL A 104 -0.79 -2.71 5.21
CA VAL A 104 -0.27 -1.38 5.66
C VAL A 104 -0.83 -0.29 4.74
N GLY A 105 -1.29 0.82 5.34
CA GLY A 105 -2.03 1.89 4.65
C GLY A 105 -3.54 1.74 4.85
N SER A 106 -4.13 2.64 5.62
CA SER A 106 -5.57 2.59 5.99
C SER A 106 -6.30 3.83 5.43
N ASP A 107 -5.75 4.42 4.35
CA ASP A 107 -6.30 5.59 3.63
C ASP A 107 -7.64 5.26 2.98
N HIS A 108 -7.98 3.99 2.78
CA HIS A 108 -9.28 3.54 2.20
C HIS A 108 -10.41 3.66 3.24
N ILE A 109 -10.03 4.13 4.44
CA ILE A 109 -10.96 4.52 5.54
C ILE A 109 -10.93 6.05 5.67
N ASP A 110 -12.10 6.66 5.83
CA ASP A 110 -12.22 8.09 6.19
C ASP A 110 -11.79 8.22 7.65
N LEU A 111 -10.52 8.51 7.88
CA LEU A 111 -9.88 8.54 9.21
C LEU A 111 -10.46 9.68 10.04
N HIS A 112 -10.66 10.85 9.44
CA HIS A 112 -11.25 12.03 10.14
C HIS A 112 -12.64 11.64 10.61
N ALA A 113 -13.43 10.95 9.78
CA ALA A 113 -14.79 10.47 10.10
C ALA A 113 -14.73 9.37 11.18
N ALA A 114 -13.87 8.37 11.03
CA ALA A 114 -13.65 7.31 12.05
C ALA A 114 -13.28 7.98 13.38
N ALA A 115 -12.36 8.94 13.37
CA ALA A 115 -11.90 9.67 14.58
C ALA A 115 -13.09 10.35 15.27
N GLU A 116 -14.03 10.93 14.50
CA GLU A 116 -15.16 11.72 15.05
C GLU A 116 -16.09 10.75 15.76
N LYS A 117 -16.27 9.54 15.23
CA LYS A 117 -17.13 8.47 15.81
C LYS A 117 -16.43 7.76 16.98
N GLY A 118 -15.20 8.13 17.34
CA GLY A 118 -14.38 7.47 18.37
C GLY A 118 -14.02 6.03 18.02
N LEU A 119 -14.05 5.63 16.74
CA LEU A 119 -13.71 4.25 16.29
C LEU A 119 -12.20 4.04 16.38
N THR A 120 -11.77 2.79 16.46
CA THR A 120 -10.32 2.43 16.49
C THR A 120 -9.95 1.87 15.12
N VAL A 121 -8.91 2.47 14.51
CA VAL A 121 -8.33 2.03 13.21
C VAL A 121 -6.86 1.63 13.42
N SER A 122 -6.52 0.44 12.97
CA SER A 122 -5.16 -0.14 13.17
C SER A 122 -4.74 -0.89 11.90
N GLU A 123 -3.43 -1.07 11.78
CA GLU A 123 -2.85 -1.80 10.65
C GLU A 123 -1.60 -2.54 11.13
N VAL A 124 -1.20 -3.55 10.37
CA VAL A 124 -0.02 -4.38 10.72
C VAL A 124 1.23 -3.62 10.27
N THR A 125 1.48 -2.48 10.91
CA THR A 125 2.76 -1.73 10.77
C THR A 125 3.88 -2.76 10.60
N GLY A 126 4.80 -2.53 9.65
CA GLY A 126 6.06 -3.30 9.53
C GLY A 126 5.88 -4.63 8.79
N SER A 127 4.67 -5.05 8.45
CA SER A 127 4.43 -6.46 8.07
C SER A 127 4.87 -6.78 6.62
N ASN A 128 5.00 -5.77 5.74
CA ASN A 128 5.31 -6.02 4.30
C ASN A 128 6.16 -4.87 3.77
N VAL A 129 6.91 -4.25 4.67
CA VAL A 129 7.75 -3.06 4.39
C VAL A 129 9.04 -3.54 3.71
N THR A 130 9.52 -4.74 4.05
CA THR A 130 10.64 -5.37 3.30
C THR A 130 10.14 -5.81 1.92
N SER A 131 8.96 -6.41 1.81
CA SER A 131 8.41 -6.89 0.51
C SER A 131 8.33 -5.73 -0.53
N VAL A 132 7.83 -4.57 -0.10
CA VAL A 132 7.66 -3.36 -0.96
C VAL A 132 9.03 -2.77 -1.29
N ALA A 133 9.97 -2.76 -0.34
CA ALA A 133 11.35 -2.28 -0.58
C ALA A 133 12.01 -3.09 -1.70
N GLU A 134 11.94 -4.43 -1.63
CA GLU A 134 12.38 -5.32 -2.72
C GLU A 134 11.69 -4.89 -4.03
N ASP A 135 10.37 -4.74 -4.01
CA ASP A 135 9.62 -4.53 -5.27
C ASP A 135 9.99 -3.16 -5.83
N GLU A 136 10.37 -2.21 -4.98
CA GLU A 136 10.73 -0.85 -5.42
C GLU A 136 12.05 -0.91 -6.20
N VAL A 137 13.02 -1.66 -5.69
CA VAL A 137 14.28 -1.93 -6.42
C VAL A 137 13.94 -2.61 -7.74
N LEU A 138 13.11 -3.64 -7.71
CA LEU A 138 12.59 -4.31 -8.93
C LEU A 138 12.16 -3.22 -9.93
N ARG A 139 11.26 -2.34 -9.52
CA ARG A 139 10.62 -1.36 -10.44
C ARG A 139 11.66 -0.37 -10.97
N ILE A 140 12.62 0.03 -10.14
CA ILE A 140 13.72 0.98 -10.51
C ILE A 140 14.55 0.37 -11.66
N LEU A 141 15.01 -0.86 -11.44
CA LEU A 141 15.89 -1.60 -12.37
C LEU A 141 15.12 -1.90 -13.65
N VAL A 142 13.89 -2.36 -13.53
CA VAL A 142 13.02 -2.64 -14.70
C VAL A 142 12.87 -1.36 -15.54
N LEU A 143 12.74 -0.20 -14.94
CA LEU A 143 12.46 1.03 -15.74
C LEU A 143 13.78 1.56 -16.31
N VAL A 144 14.82 1.62 -15.48
CA VAL A 144 16.14 2.14 -15.87
C VAL A 144 16.73 1.26 -16.98
N ARG A 145 16.65 -0.06 -16.80
CA ARG A 145 17.27 -1.06 -17.72
C ARG A 145 16.30 -1.47 -18.83
N ASN A 146 15.11 -0.91 -18.85
CA ASN A 146 14.09 -1.15 -19.90
C ASN A 146 13.78 -2.64 -20.09
N PHE A 147 13.58 -3.40 -19.01
CA PHE A 147 13.23 -4.83 -19.09
C PHE A 147 11.92 -5.10 -19.88
N ALA A 148 10.83 -4.41 -19.57
CA ALA A 148 9.47 -4.86 -19.95
C ALA A 148 9.29 -4.94 -21.47
N PRO A 149 9.61 -3.91 -22.28
CA PRO A 149 9.49 -4.02 -23.73
C PRO A 149 10.26 -5.20 -24.34
N GLY A 150 11.45 -5.49 -23.78
CA GLY A 150 12.28 -6.64 -24.16
C GLY A 150 11.59 -7.96 -23.84
N TRP A 151 10.99 -8.09 -22.66
CA TRP A 151 10.24 -9.33 -22.30
C TRP A 151 9.05 -9.48 -23.26
N LYS A 152 8.32 -8.40 -23.49
CA LYS A 152 7.19 -8.38 -24.45
C LYS A 152 7.71 -8.82 -25.82
N GLN A 153 8.83 -8.23 -26.25
CA GLN A 153 9.33 -8.41 -27.63
C GLN A 153 9.58 -9.89 -27.87
N VAL A 154 10.32 -10.56 -26.98
CA VAL A 154 10.79 -11.95 -27.27
C VAL A 154 9.64 -12.93 -27.06
N SER A 155 8.65 -12.57 -26.25
CA SER A 155 7.45 -13.41 -25.95
C SER A 155 6.54 -13.45 -27.18
N GLU A 156 6.61 -12.42 -28.03
CA GLU A 156 5.84 -12.29 -29.29
C GLU A 156 6.72 -12.63 -30.51
N GLY A 157 7.91 -13.18 -30.33
CA GLY A 157 8.72 -13.76 -31.42
C GLY A 157 9.74 -12.82 -32.06
N GLY A 158 9.83 -11.56 -31.62
CA GLY A 158 10.69 -10.54 -32.24
C GLY A 158 12.15 -10.67 -31.80
N TRP A 159 13.06 -9.93 -32.43
CA TRP A 159 14.46 -9.78 -31.94
C TRP A 159 15.04 -8.48 -32.48
N ASN A 160 15.17 -7.49 -31.59
CA ASN A 160 15.65 -6.14 -31.90
C ASN A 160 16.26 -5.57 -30.62
N VAL A 161 17.56 -5.70 -30.48
CA VAL A 161 18.28 -5.20 -29.28
C VAL A 161 18.12 -3.68 -29.20
N ALA A 162 18.20 -3.00 -30.34
CA ALA A 162 18.19 -1.52 -30.40
C ALA A 162 16.86 -0.98 -29.88
N ALA A 163 15.74 -1.58 -30.31
CA ALA A 163 14.40 -1.08 -29.94
C ALA A 163 14.23 -1.08 -28.41
N VAL A 164 15.12 -1.77 -27.67
CA VAL A 164 15.13 -1.83 -26.18
C VAL A 164 16.23 -0.89 -25.67
N VAL A 165 17.49 -1.11 -26.06
CA VAL A 165 18.64 -0.41 -25.40
C VAL A 165 18.73 1.06 -25.87
N HIS A 166 17.90 1.52 -26.78
CA HIS A 166 17.87 2.96 -27.11
C HIS A 166 17.35 3.72 -25.90
N HIS A 167 16.73 3.01 -24.95
CA HIS A 167 16.13 3.62 -23.73
C HIS A 167 16.51 2.77 -22.52
N ALA A 168 17.72 2.24 -22.48
CA ALA A 168 18.19 1.40 -21.36
C ALA A 168 19.50 1.95 -20.86
N TYR A 169 19.59 2.10 -19.55
CA TYR A 169 20.72 2.72 -18.82
C TYR A 169 21.10 1.82 -17.65
N ASP A 170 22.21 2.15 -17.00
CA ASP A 170 22.68 1.51 -15.75
C ASP A 170 22.30 2.42 -14.60
N LEU A 171 22.07 1.86 -13.43
CA LEU A 171 21.75 2.63 -12.22
C LEU A 171 23.02 3.19 -11.58
N ILE A 172 24.17 2.55 -11.77
CA ILE A 172 25.45 2.92 -11.12
C ILE A 172 25.72 4.40 -11.39
N ASP A 173 26.17 5.13 -10.35
CA ASP A 173 26.59 6.57 -10.41
C ASP A 173 25.36 7.43 -10.76
N ARG A 174 24.16 6.94 -10.49
CA ARG A 174 22.95 7.79 -10.57
C ARG A 174 22.52 8.11 -9.14
N THR A 175 21.57 9.05 -9.01
CA THR A 175 21.09 9.61 -7.73
C THR A 175 19.64 9.15 -7.54
N VAL A 176 19.36 8.51 -6.40
CA VAL A 176 18.00 8.06 -6.05
C VAL A 176 17.52 8.86 -4.85
N GLY A 177 16.26 9.31 -4.93
CA GLY A 177 15.60 10.03 -3.84
C GLY A 177 14.33 9.30 -3.47
N THR A 178 14.15 9.04 -2.16
CA THR A 178 12.89 8.48 -1.58
C THR A 178 12.12 9.63 -0.93
N VAL A 179 10.89 9.86 -1.38
CA VAL A 179 9.94 10.77 -0.69
C VAL A 179 9.32 9.99 0.47
N GLY A 180 9.89 10.15 1.66
CA GLY A 180 9.56 9.32 2.83
C GLY A 180 10.77 8.53 3.26
N GLY A 181 11.08 8.59 4.55
CA GLY A 181 12.24 7.95 5.17
C GLY A 181 11.74 7.08 6.29
N GLY A 182 10.53 6.54 6.10
CA GLY A 182 9.86 5.65 7.07
C GLY A 182 10.44 4.26 6.96
N ARG A 183 9.62 3.24 7.25
CA ARG A 183 10.04 1.82 7.27
C ARG A 183 10.44 1.44 5.84
N ILE A 184 9.62 1.74 4.82
CA ILE A 184 9.90 1.31 3.42
C ILE A 184 11.06 2.14 2.87
N GLY A 185 11.01 3.48 2.98
CA GLY A 185 12.13 4.37 2.65
C GLY A 185 13.47 3.80 3.11
N GLN A 186 13.55 3.36 4.36
CA GLN A 186 14.79 2.87 5.01
C GLN A 186 15.17 1.49 4.46
N GLU A 187 14.18 0.62 4.22
CA GLU A 187 14.40 -0.76 3.69
C GLU A 187 14.85 -0.64 2.23
N LEU A 188 14.40 0.40 1.53
CA LEU A 188 14.86 0.70 0.14
C LEU A 188 16.36 1.03 0.16
N MET A 189 16.75 2.00 0.99
CA MET A 189 18.13 2.55 1.05
C MET A 189 19.09 1.42 1.47
N LYS A 190 18.65 0.57 2.38
CA LYS A 190 19.41 -0.63 2.82
C LYS A 190 19.71 -1.50 1.60
N ARG A 191 18.74 -1.64 0.69
CA ARG A 191 18.83 -2.55 -0.48
C ARG A 191 19.52 -1.86 -1.67
N LEU A 192 19.61 -0.52 -1.71
CA LEU A 192 20.32 0.24 -2.78
C LEU A 192 21.79 0.49 -2.40
N LYS A 193 22.21 0.14 -1.19
CA LYS A 193 23.58 0.29 -0.68
C LYS A 193 24.63 -0.19 -1.70
N GLY A 194 24.50 -1.42 -2.20
CA GLY A 194 25.55 -2.05 -3.04
C GLY A 194 25.56 -1.59 -4.50
N PHE A 195 24.72 -0.65 -4.90
CA PHE A 195 24.53 -0.29 -6.33
C PHE A 195 25.45 0.86 -6.78
N GLY A 196 26.38 1.32 -5.93
CA GLY A 196 27.32 2.43 -6.24
C GLY A 196 26.61 3.65 -6.79
N LEU A 197 25.57 4.11 -6.08
CA LEU A 197 24.83 5.35 -6.40
C LEU A 197 25.75 6.56 -6.22
N LYS A 198 25.53 7.63 -6.98
CA LYS A 198 26.20 8.93 -6.75
C LYS A 198 25.82 9.34 -5.31
N GLU A 199 24.53 9.59 -5.05
CA GLU A 199 23.96 9.86 -3.72
C GLU A 199 22.68 9.05 -3.48
N MET A 200 22.45 8.63 -2.24
CA MET A 200 21.12 8.18 -1.74
C MET A 200 20.52 9.30 -0.86
N LEU A 201 19.42 9.90 -1.31
CA LEU A 201 18.73 11.05 -0.67
C LEU A 201 17.36 10.61 -0.15
N TYR A 202 16.91 11.20 0.97
CA TYR A 202 15.54 11.06 1.51
C TYR A 202 15.00 12.42 1.96
N TYR A 203 13.68 12.60 1.78
CA TYR A 203 12.86 13.71 2.29
C TYR A 203 11.80 13.10 3.22
N ASP A 204 11.77 13.63 4.45
CA ASP A 204 10.81 13.25 5.52
C ASP A 204 10.71 14.44 6.47
N ARG A 205 9.59 14.59 7.17
CA ARG A 205 9.44 15.57 8.29
C ARG A 205 10.47 15.24 9.38
N ASN A 206 10.89 13.98 9.48
CA ASN A 206 11.74 13.46 10.58
C ASN A 206 13.13 13.10 10.08
N SER A 207 14.16 13.75 10.61
CA SER A 207 15.56 13.28 10.50
C SER A 207 15.63 11.87 11.11
N LEU A 208 16.37 11.00 10.44
CA LEU A 208 16.84 9.72 10.99
C LEU A 208 18.02 10.06 11.88
N GLY A 209 18.60 9.10 12.59
CA GLY A 209 19.91 9.30 13.23
C GLY A 209 20.92 9.84 12.22
N ALA A 210 21.83 10.70 12.67
CA ALA A 210 23.13 10.92 12.02
C ALA A 210 23.82 9.56 11.84
N GLU A 211 23.74 8.71 12.88
CA GLU A 211 24.29 7.33 12.94
C GLU A 211 23.58 6.43 11.93
N ARG A 212 22.25 6.58 11.83
CA ARG A 212 21.36 5.87 10.89
C ARG A 212 21.69 6.28 9.45
N GLU A 213 21.86 7.57 9.19
CA GLU A 213 22.17 8.13 7.85
C GLU A 213 23.48 7.54 7.35
N LYS A 214 24.48 7.41 8.22
CA LYS A 214 25.77 6.77 7.88
C LYS A 214 25.49 5.31 7.50
N GLU A 215 24.70 4.60 8.32
CA GLU A 215 24.36 3.16 8.16
C GLU A 215 23.74 2.93 6.78
N LEU A 216 22.87 3.84 6.36
CA LEU A 216 22.04 3.76 5.13
C LEU A 216 22.75 4.42 3.94
N GLY A 217 23.93 5.01 4.16
CA GLY A 217 24.70 5.76 3.15
C GLY A 217 23.85 6.86 2.54
N CYS A 218 22.99 7.50 3.32
CA CYS A 218 22.06 8.50 2.77
C CYS A 218 22.33 9.90 3.36
N LYS A 219 21.72 10.90 2.73
CA LYS A 219 21.80 12.33 3.11
C LYS A 219 20.37 12.88 3.04
N ARG A 220 20.00 13.73 4.00
CA ARG A 220 18.65 14.35 4.08
C ARG A 220 18.59 15.55 3.14
N GLU A 221 17.46 15.71 2.43
CA GLU A 221 17.13 16.93 1.65
C GLU A 221 15.96 17.62 2.33
N THR A 222 16.20 18.85 2.77
CA THR A 222 15.26 19.71 3.54
C THR A 222 14.10 20.09 2.64
N ASP A 223 14.41 20.55 1.42
CA ASP A 223 13.41 21.03 0.43
C ASP A 223 13.17 19.88 -0.57
N LEU A 224 11.90 19.59 -0.84
CA LEU A 224 11.48 18.48 -1.75
C LEU A 224 11.98 18.78 -3.17
N ASP A 225 11.66 19.99 -3.66
CA ASP A 225 12.03 20.50 -5.01
C ASP A 225 13.57 20.43 -5.17
N THR A 226 14.34 20.75 -4.14
CA THR A 226 15.83 20.62 -4.12
C THR A 226 16.20 19.14 -4.33
N MET A 227 15.54 18.19 -3.66
CA MET A 227 15.83 16.74 -3.82
C MET A 227 15.48 16.33 -5.25
N LEU A 228 14.28 16.65 -5.71
CA LEU A 228 13.73 16.17 -7.01
C LEU A 228 14.67 16.52 -8.17
N SER A 229 15.26 17.72 -8.13
CA SER A 229 16.04 18.31 -9.26
C SER A 229 17.45 17.72 -9.29
N LYS A 230 17.87 16.96 -8.28
CA LYS A 230 19.15 16.21 -8.28
C LYS A 230 18.96 14.73 -8.71
N CYS A 231 17.71 14.25 -8.83
CA CYS A 231 17.39 12.79 -8.80
C CYS A 231 17.18 12.24 -10.21
N ASP A 232 17.89 11.16 -10.54
CA ASP A 232 17.66 10.29 -11.73
C ASP A 232 16.43 9.41 -11.48
N VAL A 233 16.24 8.98 -10.23
CA VAL A 233 15.09 8.14 -9.80
C VAL A 233 14.44 8.73 -8.54
N VAL A 234 13.11 8.79 -8.56
CA VAL A 234 12.30 9.23 -7.39
C VAL A 234 11.34 8.11 -6.99
N VAL A 235 11.41 7.73 -5.71
CA VAL A 235 10.53 6.70 -5.09
C VAL A 235 9.64 7.35 -4.06
N VAL A 236 8.33 7.15 -4.22
CA VAL A 236 7.26 7.61 -3.28
C VAL A 236 7.13 6.60 -2.13
N ASN A 237 7.36 7.05 -0.89
CA ASN A 237 7.32 6.19 0.33
C ASN A 237 6.66 6.92 1.50
N THR A 238 5.55 7.63 1.23
CA THR A 238 4.68 8.25 2.27
C THR A 238 3.34 7.52 2.30
N PRO A 239 2.56 7.65 3.40
CA PRO A 239 1.15 7.26 3.36
C PRO A 239 0.46 8.26 2.44
N LEU A 240 -0.75 7.94 2.00
CA LEU A 240 -1.67 8.90 1.37
C LEU A 240 -2.39 9.70 2.47
N THR A 241 -1.94 10.92 2.74
CA THR A 241 -2.52 11.92 3.68
C THR A 241 -3.10 13.10 2.89
N ASP A 242 -3.56 14.15 3.58
CA ASP A 242 -4.07 15.40 2.96
C ASP A 242 -2.89 16.21 2.38
N GLN A 243 -1.76 16.22 3.09
CA GLN A 243 -0.45 16.70 2.59
C GLN A 243 -0.03 15.98 1.29
N THR A 244 -0.26 14.66 1.13
CA THR A 244 0.43 13.86 0.08
C THR A 244 -0.48 13.52 -1.09
N ARG A 245 -1.79 13.64 -0.97
CA ARG A 245 -2.70 13.54 -2.14
C ARG A 245 -2.20 14.51 -3.22
N GLY A 246 -2.11 14.05 -4.48
CA GLY A 246 -1.73 14.83 -5.68
C GLY A 246 -0.40 15.56 -5.53
N LEU A 247 0.46 15.15 -4.60
CA LEU A 247 1.81 15.70 -4.37
C LEU A 247 2.64 15.67 -5.67
N PHE A 248 2.45 14.64 -6.51
CA PHE A 248 3.13 14.46 -7.83
C PHE A 248 2.14 14.88 -8.91
N ASN A 249 1.97 16.21 -9.02
CA ASN A 249 1.20 16.98 -10.04
C ASN A 249 2.14 17.47 -11.17
N LYS A 250 1.56 18.03 -12.25
CA LYS A 250 2.26 18.74 -13.38
C LYS A 250 3.47 19.51 -12.86
N GLU A 251 3.26 20.44 -11.92
CA GLU A 251 4.30 21.36 -11.40
C GLU A 251 5.46 20.54 -10.82
N ARG A 252 5.15 19.55 -9.97
CA ARG A 252 6.16 18.82 -9.17
C ARG A 252 6.91 17.85 -10.11
N ILE A 253 6.23 17.30 -11.10
CA ILE A 253 6.87 16.36 -12.07
C ILE A 253 7.86 17.12 -12.98
N ALA A 254 7.53 18.34 -13.42
CA ALA A 254 8.44 19.18 -14.25
C ALA A 254 9.70 19.57 -13.46
N LYS A 255 9.65 19.57 -12.13
CA LYS A 255 10.80 19.86 -11.22
C LYS A 255 11.80 18.69 -11.22
N MET A 256 11.39 17.51 -11.70
CA MET A 256 12.27 16.32 -11.81
C MET A 256 13.14 16.47 -13.08
N LYS A 257 14.38 15.93 -13.02
CA LYS A 257 15.30 15.87 -14.18
C LYS A 257 14.54 15.31 -15.38
N LYS A 258 14.84 15.83 -16.57
CA LYS A 258 14.39 15.29 -17.88
C LYS A 258 14.77 13.80 -17.94
N GLY A 259 13.85 12.94 -18.38
CA GLY A 259 14.08 11.48 -18.49
C GLY A 259 14.32 10.78 -17.13
N ALA A 260 13.90 11.38 -16.00
CA ALA A 260 14.03 10.78 -14.65
C ALA A 260 12.89 9.77 -14.44
N TYR A 261 13.07 8.83 -13.51
CA TYR A 261 12.14 7.70 -13.27
C TYR A 261 11.33 7.95 -11.98
N LEU A 262 10.04 7.64 -12.01
CA LEU A 262 9.12 7.80 -10.84
C LEU A 262 8.50 6.45 -10.49
N VAL A 263 8.83 5.96 -9.30
CA VAL A 263 8.36 4.64 -8.77
C VAL A 263 7.44 4.94 -7.58
N ASN A 264 6.27 4.30 -7.57
CA ASN A 264 5.22 4.52 -6.55
C ASN A 264 4.53 3.20 -6.22
N ASN A 265 4.98 2.53 -5.16
CA ASN A 265 4.31 1.37 -4.51
C ASN A 265 3.70 1.82 -3.16
N ALA A 266 3.53 3.13 -2.96
CA ALA A 266 2.89 3.74 -1.77
C ALA A 266 1.38 3.76 -2.02
N ARG A 267 0.86 4.80 -2.68
CA ARG A 267 -0.57 4.91 -3.05
C ARG A 267 -0.70 5.72 -4.35
N GLY A 268 -1.54 5.27 -5.27
CA GLY A 268 -1.71 5.90 -6.59
C GLY A 268 -2.00 7.38 -6.47
N ALA A 269 -2.86 7.79 -5.54
CA ALA A 269 -3.42 9.16 -5.53
C ALA A 269 -2.35 10.16 -5.13
N ILE A 270 -1.18 9.70 -4.65
CA ILE A 270 -0.04 10.60 -4.34
C ILE A 270 0.49 11.20 -5.65
N ALA A 271 0.14 10.63 -6.81
CA ALA A 271 0.56 11.10 -8.16
C ALA A 271 -0.67 11.32 -9.02
N ASP A 272 -0.83 12.54 -9.55
CA ASP A 272 -1.99 12.90 -10.39
C ASP A 272 -1.97 12.02 -11.64
N THR A 273 -3.10 11.39 -11.95
CA THR A 273 -3.26 10.43 -13.07
C THR A 273 -2.77 11.09 -14.37
N GLU A 274 -3.36 12.23 -14.74
CA GLU A 274 -3.17 12.76 -16.12
C GLU A 274 -1.73 13.26 -16.22
N ALA A 275 -1.22 13.88 -15.15
CA ALA A 275 0.13 14.48 -15.04
C ALA A 275 1.21 13.41 -15.28
N VAL A 276 0.96 12.20 -14.80
CA VAL A 276 1.96 11.09 -14.94
C VAL A 276 1.87 10.59 -16.37
N LYS A 277 0.65 10.41 -16.90
CA LYS A 277 0.44 9.94 -18.30
C LYS A 277 1.22 10.83 -19.28
N GLU A 278 1.04 12.15 -19.15
CA GLU A 278 1.52 13.16 -20.13
C GLU A 278 3.05 13.21 -20.10
N ALA A 279 3.65 13.31 -18.91
CA ALA A 279 5.11 13.32 -18.69
C ALA A 279 5.77 12.00 -19.17
N CYS A 280 5.04 10.90 -19.18
CA CYS A 280 5.49 9.61 -19.78
C CYS A 280 5.44 9.74 -21.33
N GLU A 281 4.37 10.34 -21.88
CA GLU A 281 4.20 10.54 -23.35
C GLU A 281 5.24 11.53 -23.92
N SER A 282 5.60 12.58 -23.17
CA SER A 282 6.56 13.65 -23.56
C SER A 282 8.00 13.18 -23.36
N GLY A 283 8.21 12.20 -22.48
CA GLY A 283 9.53 11.69 -22.10
C GLY A 283 10.12 12.51 -20.98
N HIS A 284 9.44 13.55 -20.48
CA HIS A 284 10.00 14.31 -19.33
C HIS A 284 10.31 13.28 -18.21
N LEU A 285 9.46 12.26 -18.11
CA LEU A 285 9.72 11.03 -17.30
C LEU A 285 10.24 9.94 -18.22
N GLY A 286 11.35 9.34 -17.82
CA GLY A 286 11.92 8.13 -18.45
C GLY A 286 10.97 6.94 -18.35
N GLY A 287 10.17 6.93 -17.28
CA GLY A 287 9.12 5.91 -17.05
C GLY A 287 8.51 6.05 -15.67
N TYR A 288 7.34 5.44 -15.50
CA TYR A 288 6.59 5.39 -14.22
C TYR A 288 6.14 3.95 -13.98
N GLY A 289 6.29 3.49 -12.74
CA GLY A 289 5.93 2.12 -12.34
C GLY A 289 5.52 2.03 -10.90
N GLY A 290 4.63 1.10 -10.61
CA GLY A 290 4.09 0.83 -9.27
C GLY A 290 2.95 -0.16 -9.35
N ASP A 291 2.55 -0.67 -8.20
CA ASP A 291 1.47 -1.67 -8.04
C ASP A 291 0.19 -0.96 -7.58
N VAL A 292 0.26 0.34 -7.24
CA VAL A 292 -0.88 1.04 -6.56
C VAL A 292 -1.54 2.06 -7.50
N TRP A 293 -2.87 2.15 -7.37
CA TRP A 293 -3.81 2.92 -8.22
C TRP A 293 -4.75 3.73 -7.34
N ASN A 294 -5.26 4.85 -7.87
CA ASN A 294 -6.16 5.78 -7.15
C ASN A 294 -7.56 5.19 -7.04
N ALA A 295 -7.83 4.13 -7.78
CA ALA A 295 -9.05 3.32 -7.72
C ALA A 295 -8.62 1.86 -7.77
N GLN A 296 -9.15 1.05 -6.83
CA GLN A 296 -8.85 -0.40 -6.62
C GLN A 296 -10.11 -1.27 -6.39
N PRO A 297 -10.36 -2.20 -7.53
CA PRO A 297 -9.73 -2.29 -8.85
C PRO A 297 -9.61 -0.97 -9.65
N ALA A 298 -8.54 -0.86 -10.45
CA ALA A 298 -8.38 0.19 -11.47
C ALA A 298 -9.37 -0.08 -12.60
N GLY A 299 -10.14 0.93 -13.01
CA GLY A 299 -11.02 0.85 -14.19
C GLY A 299 -10.24 0.41 -15.40
N LYS A 300 -10.88 -0.32 -16.31
CA LYS A 300 -10.31 -0.89 -17.57
C LYS A 300 -9.55 0.20 -18.36
N ASP A 301 -9.95 1.47 -18.24
CA ASP A 301 -9.50 2.61 -19.06
C ASP A 301 -8.56 3.49 -18.22
N HIS A 302 -8.03 3.00 -17.11
CA HIS A 302 -7.02 3.77 -16.33
C HIS A 302 -5.84 4.01 -17.26
N PRO A 303 -5.44 5.26 -17.53
CA PRO A 303 -4.43 5.52 -18.56
C PRO A 303 -3.07 4.90 -18.19
N TRP A 304 -2.78 4.73 -16.91
CA TRP A 304 -1.47 4.21 -16.43
C TRP A 304 -1.25 2.80 -16.96
N ARG A 305 -2.29 2.14 -17.43
CA ARG A 305 -2.18 0.79 -18.04
C ARG A 305 -1.57 0.84 -19.45
N TYR A 306 -1.72 1.95 -20.19
CA TYR A 306 -1.54 2.00 -21.67
C TYR A 306 -0.51 3.08 -22.06
N MET A 307 -0.13 3.96 -21.14
CA MET A 307 0.96 4.95 -21.33
C MET A 307 2.29 4.27 -21.66
N PRO A 308 3.23 5.00 -22.28
CA PRO A 308 4.53 4.44 -22.62
C PRO A 308 5.49 4.38 -21.41
N ASN A 309 6.42 3.44 -21.47
CA ASN A 309 7.51 3.22 -20.49
C ASN A 309 6.95 2.98 -19.06
N HIS A 310 5.88 2.22 -18.91
CA HIS A 310 5.29 1.98 -17.56
C HIS A 310 5.72 0.60 -17.04
N ALA A 311 5.91 0.52 -15.73
CA ALA A 311 6.16 -0.76 -15.02
C ALA A 311 5.02 -0.98 -14.01
N MET A 312 3.77 -0.87 -14.49
CA MET A 312 2.55 -1.02 -13.65
C MET A 312 2.23 -2.51 -13.54
N THR A 313 1.68 -2.91 -12.39
CA THR A 313 1.06 -4.22 -12.08
C THR A 313 -0.19 -3.94 -11.26
N PRO A 314 -1.05 -4.93 -10.95
CA PRO A 314 -2.06 -4.74 -9.91
C PRO A 314 -1.31 -4.58 -8.59
N HIS A 315 -2.06 -4.38 -7.51
CA HIS A 315 -1.52 -4.20 -6.14
C HIS A 315 -1.05 -5.56 -5.60
N ILE A 316 0.24 -5.87 -5.82
CA ILE A 316 0.82 -7.21 -5.55
C ILE A 316 1.93 -7.13 -4.50
N SER A 317 2.69 -6.03 -4.40
CA SER A 317 4.02 -6.11 -3.75
C SER A 317 3.87 -6.47 -2.27
N GLY A 318 2.87 -5.91 -1.58
CA GLY A 318 2.69 -6.11 -0.13
C GLY A 318 1.85 -7.34 0.20
N THR A 319 1.53 -8.17 -0.80
CA THR A 319 0.65 -9.38 -0.70
C THR A 319 1.25 -10.53 -1.51
N THR A 320 2.58 -10.65 -1.53
CA THR A 320 3.24 -11.93 -1.83
C THR A 320 2.83 -12.92 -0.75
N LEU A 321 2.91 -14.22 -1.04
CA LEU A 321 2.61 -15.31 -0.08
C LEU A 321 3.37 -15.07 1.23
N ASP A 322 4.59 -14.52 1.17
CA ASP A 322 5.45 -14.35 2.36
C ASP A 322 4.92 -13.16 3.17
N ALA A 323 4.39 -12.14 2.51
CA ALA A 323 3.80 -10.96 3.19
C ALA A 323 2.48 -11.37 3.84
N GLN A 324 1.70 -12.19 3.15
CA GLN A 324 0.36 -12.63 3.63
C GLN A 324 0.49 -13.29 5.00
N LYS A 325 1.46 -14.18 5.15
CA LYS A 325 1.78 -14.83 6.45
C LYS A 325 1.87 -13.77 7.56
N ARG A 326 2.65 -12.70 7.37
CA ARG A 326 2.96 -11.69 8.43
C ARG A 326 1.71 -10.88 8.78
N PHE A 327 0.95 -10.34 7.81
CA PHE A 327 -0.23 -9.50 8.11
C PHE A 327 -1.42 -10.36 8.58
N ALA A 328 -1.53 -11.62 8.15
CA ALA A 328 -2.52 -12.56 8.74
C ALA A 328 -2.26 -12.66 10.25
N ALA A 329 -1.06 -13.06 10.65
CA ALA A 329 -0.65 -13.17 12.07
C ALA A 329 -0.95 -11.88 12.82
N GLY A 330 -0.57 -10.73 12.26
CA GLY A 330 -0.75 -9.44 12.94
C GLY A 330 -2.22 -9.08 13.10
N THR A 331 -3.05 -9.46 12.12
CA THR A 331 -4.50 -9.17 12.15
C THR A 331 -5.09 -10.03 13.26
N LYS A 332 -4.80 -11.34 13.26
CA LYS A 332 -5.32 -12.26 14.31
C LYS A 332 -4.91 -11.71 15.67
N ASP A 333 -3.65 -11.31 15.81
CA ASP A 333 -3.16 -10.81 17.11
C ASP A 333 -4.01 -9.63 17.57
N MET A 334 -4.27 -8.65 16.70
CA MET A 334 -4.96 -7.39 17.12
C MET A 334 -6.42 -7.69 17.49
N ILE A 335 -7.04 -8.66 16.83
CA ILE A 335 -8.44 -9.09 17.14
C ILE A 335 -8.42 -9.81 18.49
N ASP A 336 -7.45 -10.70 18.70
CA ASP A 336 -7.14 -11.34 20.01
C ASP A 336 -7.08 -10.24 21.08
N ARG A 337 -6.16 -9.29 20.93
CA ARG A 337 -5.93 -8.21 21.92
C ARG A 337 -7.22 -7.42 22.16
N TRP A 338 -7.99 -7.12 21.10
CA TRP A 338 -9.23 -6.31 21.20
C TRP A 338 -10.24 -7.04 22.10
N LEU A 339 -10.42 -8.34 21.89
CA LEU A 339 -11.33 -9.20 22.67
C LEU A 339 -10.86 -9.31 24.14
N LYS A 340 -9.56 -9.11 24.39
CA LYS A 340 -8.92 -9.19 25.73
C LYS A 340 -8.82 -7.80 26.34
N HIS A 341 -9.42 -6.78 25.74
CA HIS A 341 -9.26 -5.38 26.19
C HIS A 341 -7.77 -5.07 26.46
N GLU A 342 -6.88 -5.50 25.55
CA GLU A 342 -5.41 -5.26 25.57
C GLU A 342 -5.07 -4.22 24.48
N ALA A 343 -4.23 -3.23 24.82
CA ALA A 343 -3.66 -2.25 23.87
C ALA A 343 -2.89 -3.00 22.77
N PHE A 344 -2.98 -2.51 21.54
CA PHE A 344 -2.11 -2.94 20.42
C PHE A 344 -0.75 -2.30 20.60
N PRO A 345 0.29 -2.78 19.90
CA PRO A 345 1.56 -2.05 19.83
C PRO A 345 1.28 -0.61 19.38
N GLU A 346 1.88 0.39 20.03
CA GLU A 346 1.62 1.85 19.81
C GLU A 346 1.69 2.18 18.31
N GLN A 347 2.62 1.57 17.58
CA GLN A 347 2.88 1.86 16.14
C GLN A 347 1.73 1.40 15.24
N ASN A 348 0.87 0.47 15.68
CA ASN A 348 -0.20 -0.12 14.84
C ASN A 348 -1.45 0.77 14.76
N TYR A 349 -1.47 1.81 15.60
CA TYR A 349 -2.64 2.71 15.78
C TYR A 349 -2.53 3.80 14.71
N ILE A 350 -3.53 3.87 13.84
CA ILE A 350 -3.76 4.97 12.85
C ILE A 350 -4.73 5.97 13.49
N VAL A 351 -5.87 5.47 13.99
CA VAL A 351 -6.86 6.26 14.78
C VAL A 351 -7.07 5.60 16.14
N ARG A 352 -6.76 6.35 17.22
CA ARG A 352 -7.02 5.97 18.63
C ARG A 352 -7.44 7.23 19.39
N GLU A 353 -8.50 7.13 20.20
CA GLU A 353 -8.95 8.17 21.17
C GLU A 353 -9.20 9.48 20.40
N GLY A 354 -9.87 9.36 19.25
CA GLY A 354 -10.30 10.44 18.34
C GLY A 354 -9.15 11.19 17.65
N LYS A 355 -7.92 10.65 17.66
CA LYS A 355 -6.67 11.31 17.15
C LYS A 355 -6.06 10.46 16.00
N LEU A 356 -5.46 11.10 14.99
CA LEU A 356 -4.75 10.39 13.89
C LEU A 356 -3.27 10.28 14.25
N ALA A 357 -2.65 9.14 13.93
CA ALA A 357 -1.18 8.91 14.00
C ALA A 357 -0.47 10.06 13.27
N SER A 358 0.68 10.50 13.80
CA SER A 358 1.39 11.74 13.37
C SER A 358 1.74 11.67 11.89
N GLN A 359 2.00 10.47 11.34
CA GLN A 359 2.41 10.27 9.93
C GLN A 359 1.21 10.40 8.98
N TYR A 360 -0.04 10.56 9.48
CA TYR A 360 -1.24 10.81 8.62
C TYR A 360 -1.69 12.28 8.72
N LEU A 361 -1.01 13.08 9.54
CA LEU A 361 -1.20 14.56 9.66
C LEU A 361 -0.37 15.26 8.59
PA NAD B . 5.96 4.72 7.77
O1A NAD B . 4.86 5.34 8.55
O2A NAD B . 7.06 4.03 8.52
O5B NAD B . 6.63 5.80 6.80
C5B NAD B . 5.95 6.96 6.27
C4B NAD B . 6.83 8.18 6.40
O4B NAD B . 6.20 9.28 5.70
C3B NAD B . 7.12 8.67 7.83
O3B NAD B . 8.52 8.64 8.11
C2B NAD B . 6.49 10.08 7.88
O2B NAD B . 7.21 11.05 8.60
C1B NAD B . 6.50 10.46 6.41
N9A NAD B . 5.53 11.48 6.03
C8A NAD B . 4.17 11.45 6.11
N7A NAD B . 3.59 12.52 5.63
C5A NAD B . 4.65 13.31 5.21
C6A NAD B . 4.71 14.58 4.61
N6A NAD B . 3.63 15.31 4.32
N1A NAD B . 5.93 15.07 4.31
C2A NAD B . 7.01 14.35 4.60
N3A NAD B . 7.09 13.14 5.17
C4A NAD B . 5.86 12.67 5.44
O3 NAD B . 5.22 3.73 6.73
PN NAD B . 5.79 2.68 5.67
O1N NAD B . 7.08 3.27 5.22
O2N NAD B . 5.79 1.32 6.26
O5D NAD B . 4.67 2.71 4.54
C5D NAD B . 4.48 3.87 3.71
C4D NAD B . 3.20 3.71 2.92
O4D NAD B . 3.41 2.71 1.92
C3D NAD B . 1.96 3.24 3.67
O3D NAD B . 1.31 4.31 4.35
C2D NAD B . 1.13 2.65 2.53
O2D NAD B . 0.33 3.69 2.00
C1D NAD B . 2.15 2.19 1.48
N1N NAD B . 2.31 0.70 1.38
C2N NAD B . 1.98 -0.01 0.22
C3N NAD B . 2.18 -1.39 0.16
C7N NAD B . 1.92 -2.18 -1.11
O7N NAD B . 1.47 -3.32 -1.05
N7N NAD B . 2.21 -1.59 -2.27
C4N NAD B . 2.60 -2.04 1.30
C5N NAD B . 3.07 -1.31 2.37
C6N NAD B . 2.80 0.04 2.44
N1 AZI C . -0.24 -3.34 2.44
N2 AZI C . -0.56 -2.67 1.58
N3 AZI C . -0.92 -2.07 0.70
N1 AZI D . -8.56 -0.56 9.19
N2 AZI D . -9.41 -1.26 8.82
N3 AZI D . -10.35 -1.87 8.50
#